data_8INV
#
_entry.id   8INV
#
_cell.length_a   45.682
_cell.length_b   52.281
_cell.length_c   200.852
_cell.angle_alpha   90.00
_cell.angle_beta   90.00
_cell.angle_gamma   90.00
#
_symmetry.space_group_name_H-M   'P 21 21 21'
#
loop_
_entity.id
_entity.type
_entity.pdbx_description
1 polymer Glycosyltransferase
2 non-polymer "URIDINE-5'-DIPHOSPHATE"
3 non-polymer 2-AMINO-2-HYDROXYMETHYL-PROPANE-1,3-DIOL
4 non-polymer bufalin
5 water water
#
_entity_poly.entity_id   1
_entity_poly.type   'polypeptide(L)'
_entity_poly.pdbx_seq_one_letter_code
;TPIHILAFPFPAKGHINPLLHLCNRLASKGFKITLITTVSTLKSVKTSKANGIDIESIPDGIPQEQNHQIITVMEMNMEL
YFKQFKASAIENTTKLIQKLKTKNPLPKVLIYDSSMPWILEVAHEQGLLGASFFTQPCSVSAIYYHMLQGTIKLPLENSE
NGMVSLPYLPLLEIKDLPGVQQFEDNSEAVAELLADQFSNIDDVDYVLFNTFDALEIEVVNWMGSKWPILTVGPTAPTSM
FFLDKKQKNYEDGRSINYLFETNTEVCMKWLDQREIDTVIYVSFGSLASLTEEQMEQVSQALIRSNCYFLWVVREEEENK
LPKDFKETTSKKKGLVINWCPQLDVLAHKSVACFMTHCGWNSTLEALCSGVPMICMPQWADQTTNAKLIEHVWKIGVGVN
KSDENGIVKREEIEDCIRQVIESERGKELKRNAIKWKELAKEAVSEGGSSCNNIQEFSSSLLFN
;
_entity_poly.pdbx_strand_id   A
#
# COMPACT_ATOMS: atom_id res chain seq x y z
N ILE A 3 24.89 11.74 5.89
CA ILE A 3 24.00 12.19 4.81
C ILE A 3 22.58 12.24 5.36
N HIS A 4 21.90 13.35 5.12
CA HIS A 4 20.58 13.60 5.69
C HIS A 4 19.53 13.51 4.59
N ILE A 5 18.59 12.59 4.75
CA ILE A 5 17.52 12.33 3.80
C ILE A 5 16.23 12.86 4.39
N LEU A 6 15.47 13.58 3.58
CA LEU A 6 14.13 14.01 3.94
C LEU A 6 13.13 13.12 3.20
N ALA A 7 12.03 12.77 3.87
CA ALA A 7 11.03 11.88 3.29
C ALA A 7 9.66 12.49 3.47
N PHE A 8 8.88 12.55 2.39
CA PHE A 8 7.58 13.22 2.41
C PHE A 8 6.55 12.32 1.73
N PRO A 9 5.86 11.50 2.50
CA PRO A 9 4.77 10.68 1.93
C PRO A 9 3.50 11.47 1.76
N PHE A 10 2.66 11.01 0.83
CA PHE A 10 1.28 11.51 0.79
C PHE A 10 0.61 11.15 2.12
N PRO A 11 -0.27 12.01 2.65
CA PRO A 11 -0.86 11.78 4.00
C PRO A 11 -1.95 10.72 4.03
N ALA A 12 -1.55 9.46 3.84
CA ALA A 12 -2.45 8.33 4.00
C ALA A 12 -1.58 7.12 4.34
N LYS A 13 -2.14 6.16 5.10
CA LYS A 13 -1.30 5.09 5.65
C LYS A 13 -0.64 4.24 4.56
N GLY A 14 -1.31 4.01 3.44
CA GLY A 14 -0.72 3.22 2.36
C GLY A 14 0.42 3.91 1.63
N HIS A 15 0.65 5.18 1.91
CA HIS A 15 1.78 5.93 1.39
C HIS A 15 2.84 6.16 2.45
N ILE A 16 2.41 6.49 3.67
CA ILE A 16 3.33 6.66 4.80
C ILE A 16 4.09 5.37 5.09
N ASN A 17 3.36 4.26 5.20
CA ASN A 17 4.01 3.04 5.67
C ASN A 17 5.12 2.54 4.75
N PRO A 18 4.94 2.39 3.43
CA PRO A 18 6.06 1.88 2.62
C PRO A 18 7.24 2.82 2.63
N LEU A 19 6.99 4.13 2.65
CA LEU A 19 8.11 5.07 2.76
C LEU A 19 8.79 4.96 4.12
N LEU A 20 8.01 4.84 5.21
CA LEU A 20 8.63 4.61 6.51
C LEU A 20 9.54 3.39 6.49
N HIS A 21 9.10 2.28 5.88
CA HIS A 21 9.94 1.09 5.87
C HIS A 21 11.23 1.33 5.10
N LEU A 22 11.15 2.05 3.98
CA LEU A 22 12.36 2.41 3.25
C LEU A 22 13.27 3.28 4.11
N CYS A 23 12.68 4.28 4.78
CA CYS A 23 13.46 5.10 5.71
C CYS A 23 14.17 4.27 6.76
N ASN A 24 13.50 3.24 7.29
CA ASN A 24 14.16 2.41 8.30
C ASN A 24 15.34 1.64 7.71
N ARG A 25 15.21 1.17 6.47
CA ARG A 25 16.32 0.53 5.79
C ARG A 25 17.48 1.50 5.62
N LEU A 26 17.18 2.74 5.22
CA LEU A 26 18.24 3.69 4.97
C LEU A 26 18.91 4.12 6.28
N ALA A 27 18.12 4.28 7.35
CA ALA A 27 18.70 4.60 8.64
C ALA A 27 19.65 3.51 9.11
N SER A 28 19.27 2.25 8.90
CA SER A 28 20.15 1.14 9.24
C SER A 28 21.47 1.18 8.48
N LYS A 29 21.51 1.81 7.30
CA LYS A 29 22.74 2.00 6.54
C LYS A 29 23.51 3.25 6.95
N GLY A 30 23.04 3.98 7.97
CA GLY A 30 23.78 5.10 8.49
C GLY A 30 23.29 6.48 8.08
N PHE A 31 22.24 6.57 7.27
CA PHE A 31 21.69 7.87 6.89
C PHE A 31 20.88 8.48 8.03
N LYS A 32 20.92 9.80 8.14
CA LYS A 32 19.96 10.50 9.01
C LYS A 32 18.67 10.73 8.23
N ILE A 33 17.52 10.51 8.89
CA ILE A 33 16.22 10.61 8.24
C ILE A 33 15.38 11.63 8.98
N THR A 34 14.71 12.49 8.23
CA THR A 34 13.66 13.33 8.76
C THR A 34 12.40 13.02 7.99
N LEU A 35 11.33 12.64 8.69
CA LEU A 35 10.06 12.30 8.07
C LEU A 35 9.12 13.49 8.19
N ILE A 36 8.58 13.95 7.07
CA ILE A 36 7.70 15.11 7.03
C ILE A 36 6.26 14.64 7.01
N THR A 37 5.50 14.97 8.05
CA THR A 37 4.11 14.57 8.17
C THR A 37 3.19 15.79 8.35
N THR A 38 1.94 15.65 7.92
CA THR A 38 0.96 16.67 8.22
C THR A 38 0.54 16.59 9.70
N VAL A 39 -0.02 17.70 10.19
CA VAL A 39 -0.64 17.73 11.53
C VAL A 39 -1.64 16.60 11.69
N SER A 40 -2.46 16.36 10.65
CA SER A 40 -3.50 15.34 10.72
C SER A 40 -2.88 13.95 10.90
N THR A 41 -1.82 13.64 10.15
CA THR A 41 -1.13 12.38 10.35
C THR A 41 -0.56 12.27 11.75
N LEU A 42 0.11 13.34 12.22
CA LEU A 42 0.77 13.28 13.52
C LEU A 42 -0.21 13.00 14.64
N LYS A 43 -1.48 13.44 14.49
CA LYS A 43 -2.47 13.16 15.52
C LYS A 43 -2.67 11.65 15.74
N SER A 44 -2.50 10.85 14.68
CA SER A 44 -2.64 9.39 14.79
C SER A 44 -1.35 8.70 15.17
N VAL A 45 -0.22 9.41 15.18
CA VAL A 45 1.06 8.79 15.51
C VAL A 45 1.12 8.58 17.00
N LYS A 46 1.37 7.33 17.42
CA LYS A 46 1.38 6.97 18.82
C LYS A 46 2.74 6.51 19.32
N THR A 47 3.59 5.98 18.43
CA THR A 47 4.91 5.46 18.79
C THR A 47 5.92 5.95 17.77
N SER A 48 6.98 6.62 18.21
CA SER A 48 8.00 7.02 17.26
C SER A 48 9.38 7.11 17.90
N LYS A 49 9.43 7.09 19.24
CA LYS A 49 10.70 7.20 19.95
C LYS A 49 11.72 6.18 19.45
N ALA A 50 11.30 4.92 19.27
CA ALA A 50 12.23 3.83 19.02
C ALA A 50 12.90 3.93 17.65
N ASN A 51 12.22 4.45 16.63
CA ASN A 51 12.85 4.38 15.32
C ASN A 51 13.92 5.46 15.10
N GLY A 52 14.06 6.41 16.02
CA GLY A 52 15.16 7.36 15.93
C GLY A 52 15.14 8.27 14.70
N ILE A 53 14.03 8.27 13.98
CA ILE A 53 13.82 9.21 12.88
C ILE A 53 13.22 10.49 13.45
N ASP A 54 13.70 11.65 12.98
CA ASP A 54 13.06 12.90 13.35
C ASP A 54 11.76 13.03 12.59
N ILE A 55 10.71 13.45 13.29
CA ILE A 55 9.42 13.75 12.67
C ILE A 55 9.17 15.25 12.74
N GLU A 56 8.94 15.87 11.59
CA GLU A 56 8.64 17.29 11.48
C GLU A 56 7.28 17.47 10.83
N SER A 57 6.44 18.30 11.41
CA SER A 57 5.08 18.42 10.91
C SER A 57 4.89 19.70 10.10
N ILE A 58 3.99 19.62 9.13
CA ILE A 58 3.54 20.76 8.34
C ILE A 58 2.04 20.85 8.49
N PRO A 59 1.46 22.04 8.27
CA PRO A 59 0.00 22.17 8.32
C PRO A 59 -0.67 21.24 7.32
N ASP A 60 -1.94 20.92 7.60
CA ASP A 60 -2.68 20.10 6.66
C ASP A 60 -2.83 20.79 5.32
N GLY A 61 -3.08 22.10 5.37
CA GLY A 61 -3.19 22.89 4.13
C GLY A 61 -4.61 22.99 3.60
N ILE A 62 -5.49 22.16 4.12
CA ILE A 62 -6.92 22.21 3.73
C ILE A 62 -7.70 22.35 5.03
N ILE A 70 -7.33 14.48 7.27
CA ILE A 70 -7.16 15.36 6.11
C ILE A 70 -7.70 14.67 4.86
N ILE A 71 -7.67 13.34 4.83
CA ILE A 71 -8.27 12.59 3.74
C ILE A 71 -9.79 12.77 3.70
N THR A 72 -10.44 12.90 4.87
CA THR A 72 -11.90 13.04 4.87
C THR A 72 -12.32 14.40 4.31
N VAL A 73 -11.49 15.43 4.50
CA VAL A 73 -11.81 16.72 3.90
C VAL A 73 -11.54 16.70 2.40
N MET A 74 -10.50 16.00 1.97
CA MET A 74 -10.16 15.97 0.52
C MET A 74 -11.31 15.32 -0.26
N GLU A 75 -11.95 14.33 0.35
CA GLU A 75 -13.08 13.65 -0.32
C GLU A 75 -14.23 14.63 -0.62
N MET A 76 -14.42 15.64 0.22
CA MET A 76 -15.55 16.59 0.05
C MET A 76 -15.46 17.31 -1.30
N ASN A 77 -14.26 17.49 -1.86
CA ASN A 77 -14.04 18.15 -3.14
C ASN A 77 -12.60 17.92 -3.53
N MET A 78 -12.31 16.87 -4.29
CA MET A 78 -10.91 16.49 -4.47
C MET A 78 -10.20 17.44 -5.42
N GLU A 79 -10.88 17.94 -6.46
CA GLU A 79 -10.23 18.85 -7.39
C GLU A 79 -9.74 20.12 -6.67
N LEU A 80 -10.60 20.72 -5.85
CA LEU A 80 -10.21 21.93 -5.14
C LEU A 80 -9.23 21.62 -4.01
N TYR A 81 -9.52 20.59 -3.22
CA TYR A 81 -8.74 20.41 -1.99
C TYR A 81 -7.39 19.74 -2.24
N PHE A 82 -7.26 18.93 -3.30
CA PHE A 82 -5.92 18.46 -3.64
C PHE A 82 -5.05 19.63 -4.11
N LYS A 83 -5.64 20.58 -4.85
CA LYS A 83 -4.87 21.73 -5.30
C LYS A 83 -4.49 22.66 -4.14
N GLN A 84 -5.40 22.83 -3.18
CA GLN A 84 -5.07 23.56 -1.96
C GLN A 84 -4.00 22.83 -1.16
N PHE A 85 -4.14 21.51 -1.02
CA PHE A 85 -3.12 20.74 -0.33
C PHE A 85 -1.76 20.89 -1.01
N LYS A 86 -1.75 20.91 -2.34
CA LYS A 86 -0.50 21.05 -3.07
C LYS A 86 0.12 22.43 -2.82
N ALA A 87 -0.68 23.48 -2.89
CA ALA A 87 -0.15 24.82 -2.67
C ALA A 87 0.40 24.96 -1.26
N SER A 88 -0.34 24.50 -0.24
CA SER A 88 0.21 24.60 1.12
C SER A 88 1.45 23.75 1.31
N ALA A 89 1.46 22.55 0.73
CA ALA A 89 2.61 21.66 0.89
C ALA A 89 3.86 22.26 0.26
N ILE A 90 3.71 22.93 -0.88
CA ILE A 90 4.84 23.61 -1.52
C ILE A 90 5.38 24.70 -0.61
N GLU A 91 4.49 25.55 -0.12
CA GLU A 91 4.91 26.64 0.77
C GLU A 91 5.51 26.11 2.06
N ASN A 92 4.86 25.11 2.66
CA ASN A 92 5.27 24.68 4.01
C ASN A 92 6.45 23.74 3.99
N THR A 93 6.63 22.92 2.96
CA THR A 93 7.87 22.13 2.89
C THR A 93 9.05 23.03 2.56
N THR A 94 8.82 24.10 1.80
CA THR A 94 9.88 25.07 1.56
C THR A 94 10.33 25.72 2.86
N LYS A 95 9.36 26.17 3.68
CA LYS A 95 9.70 26.79 4.96
C LYS A 95 10.41 25.81 5.89
N LEU A 96 9.96 24.56 5.90
CA LEU A 96 10.58 23.55 6.74
C LEU A 96 12.00 23.28 6.28
N ILE A 97 12.22 23.17 4.97
CA ILE A 97 13.57 22.91 4.48
C ILE A 97 14.48 24.08 4.79
N GLN A 98 13.97 25.31 4.65
CA GLN A 98 14.76 26.47 5.02
C GLN A 98 15.20 26.40 6.48
N LYS A 99 14.33 25.94 7.37
CA LYS A 99 14.71 25.75 8.77
C LYS A 99 15.71 24.60 8.93
N LEU A 100 15.53 23.50 8.20
CA LEU A 100 16.47 22.39 8.30
C LEU A 100 17.84 22.77 7.79
N LYS A 101 17.91 23.76 6.91
CA LYS A 101 19.20 24.24 6.44
C LYS A 101 19.94 25.06 7.47
N THR A 102 19.38 25.32 8.65
CA THR A 102 20.14 25.96 9.72
C THR A 102 20.75 24.94 10.67
N LYS A 103 20.63 23.66 10.38
CA LYS A 103 21.07 22.61 11.28
C LYS A 103 21.98 21.63 10.56
N ASN A 104 22.92 21.07 11.30
CA ASN A 104 23.79 20.02 10.81
C ASN A 104 23.33 18.68 11.32
N PRO A 105 23.33 17.66 10.47
CA PRO A 105 23.75 17.67 9.06
C PRO A 105 22.69 18.28 8.12
N LEU A 106 23.16 18.98 7.09
CA LEU A 106 22.25 19.62 6.12
C LEU A 106 21.53 18.57 5.29
N PRO A 107 20.26 18.80 4.93
CA PRO A 107 19.56 17.86 4.05
C PRO A 107 20.20 17.81 2.66
N LYS A 108 20.22 16.62 2.07
CA LYS A 108 20.82 16.38 0.76
C LYS A 108 19.86 15.89 -0.29
N VAL A 109 18.81 15.18 0.11
CA VAL A 109 17.88 14.55 -0.82
C VAL A 109 16.51 14.56 -0.20
N LEU A 110 15.49 14.70 -1.04
CA LEU A 110 14.10 14.61 -0.62
C LEU A 110 13.45 13.46 -1.38
N ILE A 111 13.03 12.43 -0.65
CA ILE A 111 12.27 11.33 -1.23
C ILE A 111 10.80 11.68 -1.01
N TYR A 112 10.05 11.81 -2.08
CA TYR A 112 8.66 12.25 -1.99
C TYR A 112 7.76 11.25 -2.68
N ASP A 113 6.52 11.16 -2.21
CA ASP A 113 5.52 10.30 -2.85
C ASP A 113 5.32 10.68 -4.32
N SER A 114 5.31 9.67 -5.20
CA SER A 114 5.19 9.93 -6.63
C SER A 114 3.90 10.67 -6.99
N SER A 115 2.87 10.64 -6.11
CA SER A 115 1.64 11.37 -6.35
C SER A 115 1.77 12.87 -6.16
N MET A 116 2.91 13.34 -5.67
CA MET A 116 3.16 14.77 -5.50
C MET A 116 4.37 15.16 -6.34
N PRO A 117 4.27 15.03 -7.67
CA PRO A 117 5.45 15.27 -8.52
C PRO A 117 5.96 16.70 -8.40
N TRP A 118 5.08 17.66 -8.07
CA TRP A 118 5.44 19.06 -7.95
C TRP A 118 6.39 19.33 -6.78
N ILE A 119 6.58 18.37 -5.89
CA ILE A 119 7.61 18.50 -4.86
C ILE A 119 9.02 18.46 -5.45
N LEU A 120 9.20 17.90 -6.64
CA LEU A 120 10.51 17.93 -7.28
C LEU A 120 11.02 19.36 -7.41
N GLU A 121 10.13 20.28 -7.82
CA GLU A 121 10.52 21.68 -7.97
C GLU A 121 11.00 22.26 -6.66
N VAL A 122 10.36 21.88 -5.55
CA VAL A 122 10.79 22.34 -4.23
C VAL A 122 12.17 21.77 -3.92
N ALA A 123 12.38 20.48 -4.18
CA ALA A 123 13.68 19.88 -3.91
C ALA A 123 14.78 20.62 -4.67
N HIS A 124 14.58 20.81 -5.97
CA HIS A 124 15.61 21.43 -6.79
C HIS A 124 15.81 22.90 -6.43
N GLU A 125 14.72 23.61 -6.12
CA GLU A 125 14.87 25.01 -5.73
C GLU A 125 15.69 25.14 -4.46
N GLN A 126 15.62 24.14 -3.58
CA GLN A 126 16.34 24.11 -2.32
C GLN A 126 17.72 23.43 -2.45
N GLY A 127 18.15 23.08 -3.66
CA GLY A 127 19.46 22.48 -3.85
C GLY A 127 19.56 21.03 -3.46
N LEU A 128 18.44 20.32 -3.38
CA LEU A 128 18.40 18.91 -2.99
C LEU A 128 18.16 18.03 -4.19
N LEU A 129 18.65 16.79 -4.10
CA LEU A 129 18.22 15.78 -5.06
C LEU A 129 16.78 15.39 -4.77
N GLY A 130 16.03 15.05 -5.82
CA GLY A 130 14.65 14.62 -5.69
C GLY A 130 14.50 13.17 -6.13
N ALA A 131 13.90 12.36 -5.25
CA ALA A 131 13.62 10.95 -5.52
C ALA A 131 12.11 10.72 -5.44
N SER A 132 11.50 10.29 -6.55
CA SER A 132 10.06 10.02 -6.58
C SER A 132 9.84 8.56 -6.18
N PHE A 133 9.00 8.35 -5.18
CA PHE A 133 8.78 7.02 -4.61
C PHE A 133 7.37 6.55 -4.99
N PHE A 134 7.31 5.55 -5.88
CA PHE A 134 6.06 4.98 -6.38
C PHE A 134 5.61 3.87 -5.44
N THR A 135 4.41 3.98 -4.91
CA THR A 135 3.87 3.04 -3.94
C THR A 135 2.90 2.06 -4.57
N GLN A 136 2.93 1.94 -5.89
CA GLN A 136 2.17 1.01 -6.70
C GLN A 136 3.13 0.27 -7.61
N PRO A 137 2.79 -0.95 -8.02
CA PRO A 137 3.71 -1.76 -8.83
C PRO A 137 3.93 -1.12 -10.20
N CYS A 138 5.00 -1.56 -10.86
CA CYS A 138 5.29 -1.04 -12.19
C CYS A 138 4.16 -1.32 -13.17
N SER A 139 3.51 -2.49 -13.04
CA SER A 139 2.45 -2.85 -13.97
C SER A 139 1.32 -1.83 -13.92
N VAL A 140 0.93 -1.40 -12.72
CA VAL A 140 -0.17 -0.44 -12.62
C VAL A 140 0.31 0.96 -12.96
N SER A 141 1.52 1.32 -12.50
CA SER A 141 2.07 2.63 -12.83
C SER A 141 2.18 2.81 -14.34
N ALA A 142 2.47 1.73 -15.06
CA ALA A 142 2.49 1.78 -16.51
C ALA A 142 1.17 2.30 -17.06
N ILE A 143 0.05 1.87 -16.49
CA ILE A 143 -1.24 2.35 -16.97
C ILE A 143 -1.34 3.86 -16.82
N TYR A 144 -0.86 4.38 -15.69
CA TYR A 144 -0.94 5.83 -15.46
C TYR A 144 -0.09 6.57 -16.47
N TYR A 145 1.07 6.03 -16.81
CA TYR A 145 1.90 6.64 -17.85
C TYR A 145 1.17 6.68 -19.18
N HIS A 146 0.52 5.58 -19.56
CA HIS A 146 -0.24 5.55 -20.80
C HIS A 146 -1.41 6.53 -20.76
N MET A 147 -2.01 6.72 -19.58
CA MET A 147 -3.04 7.75 -19.43
C MET A 147 -2.48 9.14 -19.70
N LEU A 148 -1.30 9.44 -19.15
CA LEU A 148 -0.69 10.75 -19.40
C LEU A 148 -0.35 10.93 -20.87
N GLN A 149 0.17 9.89 -21.51
CA GLN A 149 0.49 9.95 -22.94
C GLN A 149 -0.77 10.05 -23.80
N GLY A 150 -1.94 9.79 -23.24
CA GLY A 150 -3.18 9.81 -23.99
C GLY A 150 -3.51 8.52 -24.70
N THR A 151 -2.76 7.44 -24.44
CA THR A 151 -3.03 6.16 -25.07
C THR A 151 -4.31 5.53 -24.53
N ILE A 152 -4.74 5.93 -23.33
CA ILE A 152 -5.91 5.36 -22.70
C ILE A 152 -6.58 6.44 -21.84
N LYS A 153 -7.90 6.34 -21.71
CA LYS A 153 -8.68 7.25 -20.87
C LYS A 153 -9.62 6.46 -19.97
N LEU A 154 -9.68 6.84 -18.70
CA LEU A 154 -10.57 6.16 -17.76
C LEU A 154 -11.83 6.99 -17.48
N MET A 163 -12.31 -5.10 -23.94
CA MET A 163 -11.02 -5.73 -23.73
C MET A 163 -9.87 -4.73 -24.02
N VAL A 164 -8.84 -4.69 -23.17
CA VAL A 164 -7.82 -3.64 -23.25
C VAL A 164 -6.44 -4.27 -23.30
N SER A 165 -5.67 -3.93 -24.34
CA SER A 165 -4.30 -4.38 -24.51
C SER A 165 -3.34 -3.23 -24.23
N LEU A 166 -2.37 -3.48 -23.37
CA LEU A 166 -1.30 -2.54 -23.10
C LEU A 166 0.01 -3.30 -23.05
N PRO A 167 1.11 -2.69 -23.49
CA PRO A 167 2.38 -3.42 -23.60
C PRO A 167 2.79 -4.05 -22.28
N TYR A 168 3.09 -5.35 -22.33
CA TYR A 168 3.65 -6.11 -21.23
C TYR A 168 2.68 -6.26 -20.06
N LEU A 169 1.38 -6.04 -20.29
CA LEU A 169 0.35 -6.34 -19.31
C LEU A 169 -0.56 -7.43 -19.84
N PRO A 170 -1.12 -8.28 -18.96
CA PRO A 170 -2.12 -9.24 -19.43
C PRO A 170 -3.30 -8.50 -20.03
N LEU A 171 -3.96 -9.16 -20.96
CA LEU A 171 -5.20 -8.62 -21.52
C LEU A 171 -6.18 -8.35 -20.38
N LEU A 172 -6.77 -7.16 -20.40
CA LEU A 172 -7.60 -6.68 -19.29
C LEU A 172 -9.05 -6.52 -19.73
N GLU A 173 -9.97 -6.86 -18.84
CA GLU A 173 -11.36 -6.44 -19.05
C GLU A 173 -11.52 -5.02 -18.52
N ILE A 174 -12.64 -4.40 -18.91
CA ILE A 174 -12.88 -3.01 -18.48
C ILE A 174 -12.84 -2.92 -16.97
N LYS A 175 -13.41 -3.91 -16.28
CA LYS A 175 -13.42 -3.94 -14.82
C LYS A 175 -12.04 -4.14 -14.20
N ASP A 176 -11.05 -4.53 -14.97
CA ASP A 176 -9.70 -4.67 -14.42
C ASP A 176 -8.88 -3.39 -14.47
N LEU A 177 -9.34 -2.36 -15.17
CA LEU A 177 -8.62 -1.09 -15.15
C LEU A 177 -8.82 -0.39 -13.81
N PRO A 178 -7.89 0.47 -13.41
CA PRO A 178 -8.04 1.21 -12.15
C PRO A 178 -9.41 1.89 -12.07
N GLY A 179 -10.05 1.75 -10.92
CA GLY A 179 -11.40 2.24 -10.77
C GLY A 179 -11.49 3.68 -10.31
N VAL A 180 -11.90 4.59 -11.21
CA VAL A 180 -12.13 5.98 -10.84
C VAL A 180 -13.61 6.35 -10.89
N GLN A 181 -14.44 5.60 -11.60
CA GLN A 181 -15.87 5.90 -11.66
C GLN A 181 -16.51 5.84 -10.27
N GLN A 182 -15.92 5.03 -9.37
CA GLN A 182 -16.45 4.87 -8.02
C GLN A 182 -16.46 6.18 -7.24
N PHE A 183 -15.58 7.11 -7.60
CA PHE A 183 -15.43 8.35 -6.85
C PHE A 183 -16.44 9.41 -7.25
N GLU A 184 -17.25 9.13 -8.29
CA GLU A 184 -18.33 10.00 -8.75
C GLU A 184 -17.87 11.41 -9.11
N ASP A 185 -18.19 12.39 -8.27
CA ASP A 185 -17.82 13.77 -8.58
C ASP A 185 -16.34 14.05 -8.36
N ASN A 186 -15.58 13.09 -7.86
CA ASN A 186 -14.12 13.21 -7.77
C ASN A 186 -13.39 12.42 -8.86
N SER A 187 -14.12 11.80 -9.80
CA SER A 187 -13.51 10.85 -10.73
C SER A 187 -12.44 11.50 -11.60
N GLU A 188 -12.78 12.59 -12.30
CA GLU A 188 -11.79 13.23 -13.16
C GLU A 188 -10.60 13.78 -12.36
N ALA A 189 -10.85 14.36 -11.20
CA ALA A 189 -9.75 14.85 -10.38
C ALA A 189 -8.82 13.72 -9.98
N VAL A 190 -9.38 12.56 -9.63
CA VAL A 190 -8.52 11.44 -9.24
C VAL A 190 -7.72 10.95 -10.44
N ALA A 191 -8.37 10.82 -11.60
CA ALA A 191 -7.66 10.31 -12.77
C ALA A 191 -6.51 11.22 -13.18
N GLU A 192 -6.67 12.54 -13.02
CA GLU A 192 -5.60 13.44 -13.42
C GLU A 192 -4.42 13.33 -12.48
N LEU A 193 -4.68 13.11 -11.19
CA LEU A 193 -3.57 13.01 -10.24
C LEU A 193 -2.76 11.73 -10.45
N LEU A 194 -3.42 10.65 -10.83
CA LEU A 194 -2.69 9.42 -11.14
C LEU A 194 -1.81 9.61 -12.36
N ALA A 195 -2.36 10.18 -13.43
CA ALA A 195 -1.56 10.37 -14.64
C ALA A 195 -0.42 11.35 -14.40
N ASP A 196 -0.64 12.36 -13.53
CA ASP A 196 0.37 13.37 -13.26
C ASP A 196 1.65 12.77 -12.64
N GLN A 197 1.59 11.54 -12.13
CA GLN A 197 2.80 10.94 -11.54
C GLN A 197 3.95 10.88 -12.55
N PHE A 198 3.66 10.88 -13.85
CA PHE A 198 4.70 10.77 -14.86
C PHE A 198 5.02 12.11 -15.51
N SER A 199 4.42 13.20 -15.03
CA SER A 199 4.49 14.47 -15.73
C SER A 199 5.89 15.10 -15.77
N ASN A 200 6.80 14.75 -14.84
CA ASN A 200 8.14 15.31 -14.86
C ASN A 200 9.21 14.23 -14.66
N ILE A 201 8.89 13.00 -15.07
CA ILE A 201 9.73 11.86 -14.70
C ILE A 201 11.13 11.99 -15.30
N ASP A 202 11.26 12.70 -16.42
CA ASP A 202 12.57 12.89 -17.03
C ASP A 202 13.47 13.81 -16.20
N ASP A 203 12.89 14.60 -15.29
CA ASP A 203 13.68 15.54 -14.50
C ASP A 203 13.99 15.01 -13.09
N VAL A 204 13.42 13.87 -12.70
CA VAL A 204 13.63 13.31 -11.38
C VAL A 204 15.06 12.79 -11.27
N ASP A 205 15.68 12.95 -10.10
CA ASP A 205 17.04 12.43 -9.96
C ASP A 205 17.05 10.92 -9.73
N TYR A 206 16.06 10.38 -9.01
CA TYR A 206 15.95 8.94 -8.79
C TYR A 206 14.49 8.53 -8.85
N VAL A 207 14.20 7.43 -9.54
CA VAL A 207 12.84 6.91 -9.64
C VAL A 207 12.82 5.58 -8.90
N LEU A 208 12.10 5.52 -7.79
CA LEU A 208 12.06 4.33 -6.92
C LEU A 208 10.69 3.69 -6.98
N PHE A 209 10.66 2.36 -7.12
CA PHE A 209 9.40 1.61 -7.18
C PHE A 209 9.39 0.58 -6.05
N ASN A 210 8.26 0.49 -5.35
CA ASN A 210 8.15 -0.50 -4.28
C ASN A 210 7.66 -1.82 -4.87
N THR A 211 8.58 -2.47 -5.59
CA THR A 211 8.33 -3.76 -6.23
C THR A 211 9.67 -4.45 -6.37
N PHE A 212 9.67 -5.71 -6.80
CA PHE A 212 10.92 -6.38 -7.13
C PHE A 212 10.85 -6.97 -8.53
N ASP A 213 12.02 -7.03 -9.20
CA ASP A 213 12.05 -7.33 -10.62
C ASP A 213 11.37 -8.65 -10.96
N ALA A 214 11.64 -9.71 -10.20
CA ALA A 214 11.12 -11.01 -10.57
C ALA A 214 9.60 -11.05 -10.57
N LEU A 215 8.96 -10.12 -9.85
CA LEU A 215 7.50 -10.04 -9.79
C LEU A 215 6.90 -9.53 -11.10
N GLU A 216 7.62 -8.70 -11.85
CA GLU A 216 7.07 -8.15 -13.10
C GLU A 216 8.25 -7.83 -14.03
N ILE A 217 8.89 -8.91 -14.50
CA ILE A 217 10.14 -8.80 -15.24
C ILE A 217 9.96 -7.91 -16.48
N GLU A 218 8.97 -8.22 -17.31
CA GLU A 218 8.90 -7.57 -18.62
C GLU A 218 8.53 -6.09 -18.49
N VAL A 219 7.59 -5.74 -17.61
CA VAL A 219 7.23 -4.33 -17.55
C VAL A 219 8.34 -3.51 -16.90
N VAL A 220 9.06 -4.08 -15.93
CA VAL A 220 10.22 -3.40 -15.34
C VAL A 220 11.30 -3.18 -16.40
N ASN A 221 11.58 -4.20 -17.20
CA ASN A 221 12.56 -4.08 -18.28
C ASN A 221 12.16 -3.00 -19.28
N TRP A 222 10.86 -2.91 -19.62
CA TRP A 222 10.37 -1.88 -20.54
C TRP A 222 10.51 -0.50 -19.93
N MET A 223 10.13 -0.36 -18.67
CA MET A 223 10.30 0.88 -17.92
C MET A 223 11.76 1.29 -17.87
N GLY A 224 12.65 0.34 -17.60
CA GLY A 224 14.07 0.62 -17.56
C GLY A 224 14.64 1.05 -18.90
N SER A 225 13.97 0.70 -20.00
CA SER A 225 14.42 1.17 -21.32
C SER A 225 14.13 2.64 -21.54
N LYS A 226 13.27 3.24 -20.70
CA LYS A 226 12.90 4.64 -20.84
C LYS A 226 13.63 5.53 -19.85
N TRP A 227 13.72 5.12 -18.60
CA TRP A 227 14.37 5.88 -17.54
C TRP A 227 15.12 4.91 -16.66
N PRO A 228 16.23 5.33 -16.07
CA PRO A 228 16.85 4.53 -15.01
C PRO A 228 15.92 4.48 -13.80
N ILE A 229 15.34 3.32 -13.55
CA ILE A 229 14.48 3.14 -12.39
C ILE A 229 15.20 2.20 -11.43
N LEU A 230 14.83 2.31 -10.15
CA LEU A 230 15.39 1.48 -9.07
C LEU A 230 14.25 0.77 -8.36
N THR A 231 14.16 -0.54 -8.55
CA THR A 231 13.18 -1.32 -7.83
C THR A 231 13.76 -1.69 -6.46
N VAL A 232 13.06 -1.29 -5.40
CA VAL A 232 13.62 -1.37 -4.06
C VAL A 232 12.72 -2.11 -3.10
N GLY A 233 11.71 -2.84 -3.63
CA GLY A 233 10.72 -3.45 -2.78
C GLY A 233 10.91 -4.95 -2.58
N PRO A 234 10.21 -5.54 -1.59
CA PRO A 234 9.35 -4.85 -0.65
C PRO A 234 10.17 -4.00 0.29
N THR A 235 9.78 -2.74 0.51
CA THR A 235 10.47 -1.97 1.53
C THR A 235 10.14 -2.49 2.94
N ALA A 236 8.97 -3.10 3.11
CA ALA A 236 8.60 -3.67 4.40
C ALA A 236 9.61 -4.74 4.82
N PRO A 237 9.94 -4.83 6.12
CA PRO A 237 10.95 -5.75 6.68
C PRO A 237 10.52 -7.22 6.79
N ILE A 256 9.89 -0.74 15.54
CA ILE A 256 10.05 0.47 14.75
C ILE A 256 9.18 0.38 13.48
N ASN A 257 8.48 -0.74 13.33
CA ASN A 257 7.76 -1.01 12.09
C ASN A 257 6.42 -0.32 12.00
N TYR A 258 5.90 0.28 13.09
CA TYR A 258 4.60 0.94 13.03
C TYR A 258 4.64 2.28 13.74
N LEU A 259 3.89 3.23 13.22
CA LEU A 259 3.76 4.52 13.89
C LEU A 259 2.46 4.63 14.67
N PHE A 260 1.46 3.88 14.23
CA PHE A 260 0.10 4.02 14.70
C PHE A 260 -0.21 2.88 15.66
N GLU A 261 -1.31 3.03 16.39
CA GLU A 261 -1.72 2.00 17.34
C GLU A 261 -2.10 0.74 16.57
N THR A 262 -1.45 -0.37 16.89
CA THR A 262 -1.67 -1.63 16.19
C THR A 262 -2.28 -2.72 17.06
N ASN A 263 -2.49 -2.48 18.37
CA ASN A 263 -3.07 -3.49 19.26
C ASN A 263 -2.28 -4.80 19.20
N THR A 264 -0.95 -4.67 19.23
CA THR A 264 -0.09 -5.81 18.92
C THR A 264 -0.28 -6.94 19.93
N GLU A 265 -0.29 -6.61 21.22
CA GLU A 265 -0.40 -7.64 22.26
C GLU A 265 -1.68 -8.44 22.12
N VAL A 266 -2.81 -7.77 21.94
CA VAL A 266 -4.08 -8.48 21.89
C VAL A 266 -4.11 -9.36 20.65
N CYS A 267 -3.57 -8.84 19.54
CA CYS A 267 -3.64 -9.55 18.27
C CYS A 267 -2.77 -10.79 18.28
N MET A 268 -1.52 -10.65 18.75
CA MET A 268 -0.57 -11.74 18.69
C MET A 268 -0.86 -12.82 19.71
N LYS A 269 -1.44 -12.45 20.86
CA LYS A 269 -1.80 -13.48 21.82
C LYS A 269 -2.96 -14.32 21.31
N TRP A 270 -3.92 -13.69 20.62
CA TRP A 270 -5.04 -14.43 20.03
C TRP A 270 -4.56 -15.33 18.91
N LEU A 271 -3.69 -14.82 18.02
CA LEU A 271 -3.12 -15.64 16.96
C LEU A 271 -2.31 -16.82 17.51
N ASP A 272 -1.59 -16.60 18.62
CA ASP A 272 -0.81 -17.69 19.22
C ASP A 272 -1.68 -18.81 19.75
N GLN A 273 -2.97 -18.56 19.94
CA GLN A 273 -3.93 -19.58 20.35
C GLN A 273 -4.49 -20.40 19.19
N ARG A 274 -4.12 -20.07 17.95
CA ARG A 274 -4.69 -20.68 16.75
C ARG A 274 -3.72 -21.69 16.14
N GLU A 275 -4.25 -22.80 15.61
CA GLU A 275 -3.34 -23.74 14.96
C GLU A 275 -2.96 -23.27 13.55
N ILE A 276 -1.92 -23.91 13.01
CA ILE A 276 -1.40 -23.57 11.69
C ILE A 276 -2.53 -23.60 10.67
N ASP A 277 -2.57 -22.58 9.80
CA ASP A 277 -3.42 -22.61 8.61
C ASP A 277 -4.92 -22.65 8.95
N THR A 278 -5.34 -21.87 9.94
CA THR A 278 -6.74 -21.92 10.33
C THR A 278 -7.42 -20.56 10.36
N VAL A 279 -6.70 -19.46 10.24
CA VAL A 279 -7.26 -18.14 10.43
C VAL A 279 -7.43 -17.45 9.08
N ILE A 280 -8.61 -16.89 8.86
CA ILE A 280 -8.83 -15.94 7.77
C ILE A 280 -8.55 -14.55 8.32
N TYR A 281 -7.55 -13.86 7.75
CA TYR A 281 -7.32 -12.46 8.07
C TYR A 281 -8.10 -11.60 7.10
N VAL A 282 -8.84 -10.62 7.61
CA VAL A 282 -9.75 -9.81 6.79
C VAL A 282 -9.44 -8.34 7.03
N SER A 283 -9.09 -7.62 5.97
CA SER A 283 -8.91 -6.19 6.14
C SER A 283 -9.18 -5.46 4.83
N PHE A 284 -9.86 -4.32 4.92
CA PHE A 284 -10.07 -3.49 3.74
C PHE A 284 -9.22 -2.24 3.76
N GLY A 285 -8.14 -2.26 4.52
CA GLY A 285 -7.15 -1.21 4.46
C GLY A 285 -7.51 -0.02 5.33
N SER A 286 -6.87 1.10 4.99
CA SER A 286 -6.95 2.30 5.80
C SER A 286 -8.01 3.28 5.33
N LEU A 287 -8.54 3.12 4.11
CA LEU A 287 -9.45 4.11 3.54
C LEU A 287 -10.80 3.56 3.10
N ALA A 288 -10.82 2.38 2.46
CA ALA A 288 -12.07 1.87 1.91
C ALA A 288 -13.09 1.64 3.02
N SER A 289 -14.35 1.91 2.71
CA SER A 289 -15.45 1.71 3.64
C SER A 289 -16.56 0.95 2.93
N LEU A 290 -17.04 -0.11 3.55
CA LEU A 290 -18.14 -0.88 3.00
C LEU A 290 -19.45 -0.41 3.60
N THR A 291 -20.51 -0.45 2.80
CA THR A 291 -21.82 -0.10 3.32
C THR A 291 -22.24 -1.10 4.39
N GLU A 292 -23.22 -0.67 5.21
CA GLU A 292 -23.80 -1.57 6.21
C GLU A 292 -24.31 -2.84 5.56
N GLU A 293 -24.93 -2.73 4.38
CA GLU A 293 -25.41 -3.91 3.66
C GLU A 293 -24.27 -4.87 3.36
N GLN A 294 -23.16 -4.33 2.87
CA GLN A 294 -22.03 -5.17 2.51
C GLN A 294 -21.37 -5.77 3.75
N MET A 295 -21.28 -5.00 4.84
CA MET A 295 -20.72 -5.52 6.08
C MET A 295 -21.53 -6.69 6.63
N GLU A 296 -22.86 -6.66 6.45
CA GLU A 296 -23.65 -7.78 6.93
C GLU A 296 -23.28 -9.07 6.20
N GLN A 297 -23.08 -9.00 4.88
CA GLN A 297 -22.75 -10.20 4.12
C GLN A 297 -21.39 -10.74 4.54
N VAL A 298 -20.40 -9.86 4.71
CA VAL A 298 -19.09 -10.29 5.22
C VAL A 298 -19.25 -10.96 6.57
N SER A 299 -19.98 -10.31 7.50
CA SER A 299 -20.15 -10.88 8.83
C SER A 299 -20.79 -12.26 8.79
N GLN A 300 -21.91 -12.39 8.07
CA GLN A 300 -22.56 -13.69 7.99
C GLN A 300 -21.64 -14.71 7.34
N ALA A 301 -20.95 -14.32 6.27
CA ALA A 301 -20.08 -15.26 5.59
C ALA A 301 -18.99 -15.76 6.50
N LEU A 302 -18.41 -14.87 7.33
CA LEU A 302 -17.37 -15.34 8.25
C LEU A 302 -17.96 -16.27 9.30
N ILE A 303 -19.16 -15.94 9.80
CA ILE A 303 -19.80 -16.80 10.78
C ILE A 303 -20.23 -18.13 10.16
N ARG A 304 -20.83 -18.11 8.96
CA ARG A 304 -21.29 -19.37 8.36
C ARG A 304 -20.15 -20.23 7.82
N SER A 305 -19.02 -19.64 7.41
CA SER A 305 -17.82 -20.47 7.46
C SER A 305 -17.61 -20.86 8.92
N ASN A 306 -16.86 -21.91 9.18
CA ASN A 306 -16.58 -22.17 10.58
C ASN A 306 -15.10 -22.00 10.88
N CYS A 307 -14.51 -21.01 10.23
CA CYS A 307 -13.10 -20.69 10.37
C CYS A 307 -12.92 -19.65 11.45
N TYR A 308 -11.76 -19.69 12.09
CA TYR A 308 -11.34 -18.55 12.89
C TYR A 308 -10.99 -17.40 11.97
N PHE A 309 -11.20 -16.18 12.46
CA PHE A 309 -10.96 -15.00 11.62
C PHE A 309 -10.53 -13.84 12.50
N LEU A 310 -9.63 -13.03 11.97
CA LEU A 310 -9.26 -11.74 12.53
C LEU A 310 -9.67 -10.68 11.52
N TRP A 311 -10.62 -9.83 11.91
CA TRP A 311 -11.19 -8.84 10.99
C TRP A 311 -10.90 -7.44 11.50
N VAL A 312 -10.10 -6.68 10.76
CA VAL A 312 -9.83 -5.28 11.05
C VAL A 312 -11.02 -4.46 10.57
N VAL A 313 -11.77 -3.90 11.51
CA VAL A 313 -12.87 -2.98 11.24
C VAL A 313 -12.49 -1.69 11.93
N ARG A 314 -12.16 -0.67 11.13
CA ARG A 314 -11.68 0.58 11.69
C ARG A 314 -12.72 1.22 12.62
N GLU A 315 -12.22 1.98 13.60
CA GLU A 315 -13.08 2.50 14.67
C GLU A 315 -14.28 3.26 14.12
N GLU A 316 -14.05 4.10 13.10
CA GLU A 316 -15.14 4.86 12.51
C GLU A 316 -16.09 4.01 11.68
N GLU A 317 -15.76 2.73 11.45
CA GLU A 317 -16.62 1.83 10.70
C GLU A 317 -17.34 0.82 11.59
N GLU A 318 -17.01 0.78 12.89
CA GLU A 318 -17.58 -0.21 13.79
C GLU A 318 -19.10 -0.13 13.84
N ASN A 319 -19.64 1.08 13.77
CA ASN A 319 -21.08 1.28 13.90
C ASN A 319 -21.89 0.72 12.74
N LYS A 320 -21.25 0.16 11.72
CA LYS A 320 -21.97 -0.48 10.61
C LYS A 320 -21.98 -2.00 10.71
N LEU A 321 -21.30 -2.58 11.69
CA LEU A 321 -21.37 -4.01 11.92
C LEU A 321 -22.78 -4.39 12.40
N PRO A 322 -23.23 -5.63 12.15
CA PRO A 322 -24.53 -6.06 12.69
C PRO A 322 -24.59 -5.89 14.20
N LYS A 323 -25.80 -5.81 14.75
CA LYS A 323 -26.05 -5.38 16.13
C LYS A 323 -25.06 -5.94 17.13
N ASP A 324 -25.10 -7.25 17.39
CA ASP A 324 -24.29 -7.85 18.44
C ASP A 324 -23.02 -8.54 17.93
N PHE A 325 -22.47 -8.05 16.80
CA PHE A 325 -21.40 -8.82 16.16
C PHE A 325 -20.10 -8.75 16.95
N LYS A 326 -19.65 -7.53 17.25
CA LYS A 326 -18.35 -7.40 17.91
C LYS A 326 -18.38 -7.99 19.33
N GLU A 327 -19.49 -7.83 20.04
CA GLU A 327 -19.49 -8.13 21.47
C GLU A 327 -19.78 -9.60 21.77
N THR A 328 -20.53 -10.30 20.91
CA THR A 328 -20.87 -11.67 21.27
C THR A 328 -20.69 -12.66 20.12
N THR A 329 -21.39 -12.48 19.00
CA THR A 329 -21.42 -13.58 18.03
C THR A 329 -20.06 -13.80 17.38
N SER A 330 -19.20 -12.79 17.34
CA SER A 330 -17.85 -13.00 16.83
C SER A 330 -16.91 -13.64 17.86
N LYS A 331 -17.34 -13.82 19.12
CA LYS A 331 -16.41 -14.20 20.18
C LYS A 331 -15.93 -15.64 20.08
N LYS A 332 -16.73 -16.56 19.55
CA LYS A 332 -16.32 -17.96 19.56
C LYS A 332 -15.13 -18.19 18.63
N LYS A 333 -15.14 -17.56 17.46
CA LYS A 333 -14.14 -17.86 16.44
C LYS A 333 -13.43 -16.61 15.93
N GLY A 334 -13.83 -15.43 16.37
CA GLY A 334 -13.30 -14.24 15.73
C GLY A 334 -12.64 -13.26 16.67
N LEU A 335 -11.78 -12.42 16.09
CA LEU A 335 -11.24 -11.26 16.78
C LEU A 335 -11.52 -10.07 15.88
N VAL A 336 -12.37 -9.16 16.35
CA VAL A 336 -12.68 -7.94 15.60
C VAL A 336 -11.94 -6.79 16.27
N ILE A 337 -11.06 -6.12 15.52
CA ILE A 337 -10.10 -5.18 16.07
C ILE A 337 -10.02 -3.96 15.16
N ASN A 338 -9.76 -2.78 15.74
CA ASN A 338 -9.79 -1.58 14.91
C ASN A 338 -8.52 -1.34 14.11
N TRP A 339 -7.44 -2.06 14.41
CA TRP A 339 -6.18 -2.00 13.66
C TRP A 339 -5.29 -3.09 14.22
N CYS A 340 -4.46 -3.69 13.38
CA CYS A 340 -3.62 -4.80 13.78
C CYS A 340 -2.20 -4.57 13.30
N PRO A 341 -1.22 -5.33 13.80
CA PRO A 341 0.13 -5.22 13.23
C PRO A 341 0.22 -6.10 11.99
N GLN A 342 -0.13 -5.51 10.84
CA GLN A 342 -0.44 -6.34 9.68
C GLN A 342 0.77 -7.18 9.24
N LEU A 343 1.98 -6.64 9.35
CA LEU A 343 3.14 -7.45 8.94
C LEU A 343 3.29 -8.66 9.84
N ASP A 344 3.11 -8.47 11.15
CA ASP A 344 3.21 -9.59 12.09
C ASP A 344 2.06 -10.57 11.92
N VAL A 345 0.87 -10.08 11.59
CA VAL A 345 -0.25 -10.97 11.36
C VAL A 345 0.01 -11.85 10.14
N LEU A 346 0.41 -11.24 9.02
CA LEU A 346 0.65 -12.01 7.81
C LEU A 346 1.80 -13.00 7.97
N ALA A 347 2.75 -12.71 8.87
CA ALA A 347 3.86 -13.63 9.12
C ALA A 347 3.48 -14.81 10.01
N HIS A 348 2.33 -14.76 10.68
CA HIS A 348 1.98 -15.79 11.66
C HIS A 348 1.49 -17.05 10.94
N LYS A 349 1.98 -18.22 11.41
CA LYS A 349 1.70 -19.47 10.73
C LYS A 349 0.25 -19.89 10.84
N SER A 350 -0.50 -19.27 11.76
CA SER A 350 -1.92 -19.58 11.88
C SER A 350 -2.75 -19.06 10.71
N VAL A 351 -2.29 -18.02 10.04
CA VAL A 351 -3.10 -17.37 9.00
C VAL A 351 -3.07 -18.22 7.73
N ALA A 352 -4.25 -18.68 7.32
CA ALA A 352 -4.36 -19.50 6.12
C ALA A 352 -4.61 -18.65 4.87
N CYS A 353 -5.21 -17.49 5.02
CA CYS A 353 -5.58 -16.72 3.85
C CYS A 353 -6.02 -15.33 4.28
N PHE A 354 -6.00 -14.41 3.30
CA PHE A 354 -6.15 -12.97 3.52
C PHE A 354 -7.24 -12.47 2.59
N MET A 355 -8.41 -12.17 3.16
CA MET A 355 -9.48 -11.52 2.42
C MET A 355 -9.20 -10.02 2.41
N THR A 356 -8.86 -9.48 1.23
CA THR A 356 -8.25 -8.17 1.13
C THR A 356 -8.94 -7.29 0.10
N HIS A 357 -8.84 -5.96 0.29
CA HIS A 357 -9.29 -5.04 -0.75
C HIS A 357 -8.28 -4.89 -1.88
N CYS A 358 -7.09 -5.50 -1.75
CA CYS A 358 -6.06 -5.55 -2.80
C CYS A 358 -5.37 -4.21 -2.99
N GLY A 359 -5.27 -3.38 -1.95
CA GLY A 359 -4.30 -2.30 -1.99
C GLY A 359 -2.90 -2.86 -2.20
N TRP A 360 -2.02 -2.06 -2.80
CA TRP A 360 -0.73 -2.63 -3.19
C TRP A 360 0.08 -3.09 -1.96
N ASN A 361 0.08 -2.32 -0.88
CA ASN A 361 0.87 -2.76 0.28
C ASN A 361 0.37 -4.09 0.80
N SER A 362 -0.95 -4.23 0.92
CA SER A 362 -1.49 -5.47 1.43
C SER A 362 -1.19 -6.63 0.48
N THR A 363 -1.27 -6.37 -0.83
CA THR A 363 -0.98 -7.39 -1.83
C THR A 363 0.47 -7.85 -1.73
N LEU A 364 1.38 -6.89 -1.73
CA LEU A 364 2.81 -7.19 -1.67
C LEU A 364 3.17 -7.85 -0.35
N GLU A 365 2.66 -7.33 0.76
CA GLU A 365 2.96 -7.92 2.06
C GLU A 365 2.45 -9.36 2.16
N ALA A 366 1.28 -9.66 1.60
CA ALA A 366 0.77 -11.06 1.59
C ALA A 366 1.67 -11.96 0.73
N LEU A 367 1.97 -11.52 -0.49
CA LEU A 367 2.83 -12.29 -1.41
C LEU A 367 4.18 -12.58 -0.75
N CYS A 368 4.77 -11.56 -0.12
CA CYS A 368 6.11 -11.69 0.49
C CYS A 368 6.00 -12.56 1.75
N SER A 369 4.81 -12.67 2.32
CA SER A 369 4.57 -13.53 3.46
C SER A 369 4.13 -14.94 3.05
N GLY A 370 3.83 -15.17 1.78
CA GLY A 370 3.38 -16.50 1.38
C GLY A 370 1.93 -16.80 1.69
N VAL A 371 1.08 -15.77 1.75
CA VAL A 371 -0.30 -15.90 2.20
C VAL A 371 -1.22 -15.71 1.00
N PRO A 372 -2.00 -16.72 0.61
CA PRO A 372 -2.94 -16.57 -0.50
C PRO A 372 -4.13 -15.70 -0.13
N MET A 373 -4.80 -15.19 -1.16
CA MET A 373 -5.71 -14.06 -0.97
C MET A 373 -7.10 -14.35 -1.52
N ILE A 374 -8.11 -13.75 -0.87
CA ILE A 374 -9.44 -13.60 -1.45
C ILE A 374 -9.59 -12.14 -1.84
N CYS A 375 -9.77 -11.89 -3.14
CA CYS A 375 -9.71 -10.52 -3.67
C CYS A 375 -11.09 -9.88 -3.67
N MET A 376 -11.24 -8.78 -2.93
CA MET A 376 -12.48 -8.01 -2.90
C MET A 376 -12.12 -6.55 -3.15
N PRO A 377 -11.68 -6.22 -4.35
CA PRO A 377 -11.19 -4.85 -4.60
C PRO A 377 -12.33 -3.85 -4.62
N GLN A 378 -12.03 -2.63 -4.18
CA GLN A 378 -13.03 -1.57 -4.09
C GLN A 378 -12.89 -0.51 -5.17
N TRP A 379 -11.70 0.09 -5.32
CA TRP A 379 -11.53 1.17 -6.30
C TRP A 379 -10.05 1.42 -6.56
N ALA A 380 -9.79 2.40 -7.42
CA ALA A 380 -8.44 2.74 -7.88
C ALA A 380 -7.70 1.50 -8.36
N ASP A 381 -6.42 1.39 -7.99
CA ASP A 381 -5.56 0.31 -8.48
C ASP A 381 -5.96 -1.04 -7.92
N GLN A 382 -6.85 -1.10 -6.95
CA GLN A 382 -7.23 -2.38 -6.35
C GLN A 382 -7.79 -3.35 -7.39
N THR A 383 -8.58 -2.83 -8.34
CA THR A 383 -9.15 -3.70 -9.37
C THR A 383 -8.05 -4.36 -10.22
N THR A 384 -7.05 -3.59 -10.62
CA THR A 384 -5.93 -4.13 -11.39
C THR A 384 -5.08 -5.08 -10.56
N ASN A 385 -4.82 -4.73 -9.31
CA ASN A 385 -4.05 -5.63 -8.46
C ASN A 385 -4.75 -6.97 -8.33
N ALA A 386 -6.09 -6.96 -8.19
CA ALA A 386 -6.83 -8.21 -8.06
C ALA A 386 -6.68 -9.08 -9.29
N LYS A 387 -6.64 -8.45 -10.48
CA LYS A 387 -6.46 -9.22 -11.70
C LYS A 387 -5.06 -9.84 -11.75
N LEU A 388 -4.03 -9.08 -11.36
CA LEU A 388 -2.68 -9.62 -11.29
C LEU A 388 -2.56 -10.72 -10.25
N ILE A 389 -3.21 -10.55 -9.09
CA ILE A 389 -3.17 -11.58 -8.05
C ILE A 389 -3.75 -12.89 -8.59
N GLU A 390 -4.91 -12.82 -9.23
CA GLU A 390 -5.61 -14.02 -9.64
C GLU A 390 -5.00 -14.65 -10.88
N HIS A 391 -4.61 -13.83 -11.85
CA HIS A 391 -4.37 -14.36 -13.18
C HIS A 391 -2.91 -14.35 -13.59
N VAL A 392 -2.08 -13.51 -13.01
CA VAL A 392 -0.64 -13.48 -13.28
C VAL A 392 0.15 -14.21 -12.20
N TRP A 393 0.09 -13.71 -10.96
CA TRP A 393 0.84 -14.33 -9.88
C TRP A 393 0.16 -15.58 -9.35
N LYS A 394 -1.15 -15.68 -9.54
CA LYS A 394 -1.91 -16.90 -9.23
C LYS A 394 -1.81 -17.27 -7.75
N ILE A 395 -2.05 -16.30 -6.89
CA ILE A 395 -2.01 -16.50 -5.45
C ILE A 395 -3.31 -16.07 -4.78
N GLY A 396 -4.38 -15.92 -5.56
CA GLY A 396 -5.67 -15.63 -4.95
C GLY A 396 -6.82 -15.90 -5.89
N VAL A 397 -8.02 -15.85 -5.33
CA VAL A 397 -9.25 -15.96 -6.10
C VAL A 397 -10.03 -14.66 -5.90
N GLY A 398 -10.85 -14.34 -6.88
CA GLY A 398 -11.62 -13.10 -6.86
C GLY A 398 -13.06 -13.40 -6.54
N VAL A 399 -13.69 -12.52 -5.74
CA VAL A 399 -15.13 -12.63 -5.54
C VAL A 399 -15.86 -12.08 -6.75
N ASN A 400 -17.08 -12.55 -6.95
CA ASN A 400 -17.94 -12.07 -8.02
C ASN A 400 -19.09 -11.26 -7.43
N LYS A 401 -19.24 -10.03 -7.91
CA LYS A 401 -20.32 -9.17 -7.48
C LYS A 401 -21.64 -9.62 -8.09
N SER A 402 -22.72 -9.44 -7.34
CA SER A 402 -24.06 -9.73 -7.82
C SER A 402 -24.74 -8.48 -8.38
N ILE A 407 -23.46 -5.85 -4.76
CA ILE A 407 -23.09 -6.41 -3.47
C ILE A 407 -22.46 -7.79 -3.65
N VAL A 408 -21.42 -8.07 -2.88
CA VAL A 408 -20.85 -9.41 -2.82
C VAL A 408 -21.63 -10.18 -1.76
N LYS A 409 -22.41 -11.14 -2.21
CA LYS A 409 -23.29 -11.84 -1.29
C LYS A 409 -22.49 -12.89 -0.49
N ARG A 410 -23.05 -13.24 0.67
CA ARG A 410 -22.34 -14.10 1.62
C ARG A 410 -22.01 -15.47 1.04
N GLU A 411 -22.87 -16.01 0.17
CA GLU A 411 -22.58 -17.31 -0.44
C GLU A 411 -21.31 -17.25 -1.28
N GLU A 412 -21.13 -16.17 -2.04
CA GLU A 412 -19.92 -16.03 -2.85
C GLU A 412 -18.66 -15.95 -2.00
N ILE A 413 -18.70 -15.17 -0.91
CA ILE A 413 -17.57 -15.13 0.01
C ILE A 413 -17.30 -16.52 0.59
N GLU A 414 -18.36 -17.20 1.02
CA GLU A 414 -18.18 -18.55 1.59
C GLU A 414 -17.58 -19.51 0.57
N ASP A 415 -18.01 -19.40 -0.69
CA ASP A 415 -17.42 -20.24 -1.74
C ASP A 415 -15.93 -19.96 -1.87
N CYS A 416 -15.54 -18.69 -1.89
CA CYS A 416 -14.14 -18.34 -2.01
C CYS A 416 -13.33 -18.85 -0.83
N ILE A 417 -13.89 -18.74 0.38
CA ILE A 417 -13.20 -19.33 1.54
C ILE A 417 -12.97 -20.81 1.34
N ARG A 418 -13.99 -21.52 0.85
CA ARG A 418 -13.85 -22.95 0.63
C ARG A 418 -12.78 -23.24 -0.42
N GLN A 419 -12.78 -22.47 -1.51
CA GLN A 419 -11.76 -22.65 -2.54
C GLN A 419 -10.36 -22.55 -1.96
N VAL A 420 -10.12 -21.61 -1.04
CA VAL A 420 -8.77 -21.39 -0.53
C VAL A 420 -8.44 -22.33 0.63
N ILE A 421 -9.35 -22.54 1.58
CA ILE A 421 -8.98 -23.29 2.79
C ILE A 421 -9.00 -24.79 2.54
N GLU A 422 -9.93 -25.27 1.72
CA GLU A 422 -10.23 -26.68 1.62
C GLU A 422 -9.86 -27.30 0.28
N SER A 423 -10.15 -26.60 -0.81
CA SER A 423 -10.06 -27.19 -2.13
C SER A 423 -8.62 -27.47 -2.52
N GLU A 424 -8.45 -28.31 -3.53
CA GLU A 424 -7.13 -28.50 -4.12
C GLU A 424 -6.60 -27.22 -4.76
N ARG A 425 -7.48 -26.40 -5.35
CA ARG A 425 -7.02 -25.13 -5.91
C ARG A 425 -6.32 -24.30 -4.84
N GLY A 426 -6.86 -24.32 -3.62
CA GLY A 426 -6.25 -23.57 -2.53
C GLY A 426 -4.83 -24.01 -2.21
N LYS A 427 -4.58 -25.32 -2.25
CA LYS A 427 -3.23 -25.81 -2.04
C LYS A 427 -2.28 -25.30 -3.13
N GLU A 428 -2.79 -25.20 -4.35
CA GLU A 428 -2.01 -24.62 -5.44
C GLU A 428 -1.70 -23.15 -5.17
N LEU A 429 -2.71 -22.38 -4.76
CA LEU A 429 -2.48 -20.96 -4.49
C LEU A 429 -1.46 -20.77 -3.39
N LYS A 430 -1.48 -21.64 -2.38
CA LYS A 430 -0.52 -21.54 -1.28
C LYS A 430 0.90 -21.87 -1.76
N ARG A 431 1.04 -22.93 -2.55
CA ARG A 431 2.36 -23.24 -3.11
C ARG A 431 2.87 -22.08 -3.95
N ASN A 432 2.01 -21.46 -4.75
CA ASN A 432 2.43 -20.35 -5.58
C ASN A 432 2.87 -19.17 -4.71
N ALA A 433 2.16 -18.94 -3.61
CA ALA A 433 2.50 -17.85 -2.72
C ALA A 433 3.86 -18.08 -2.07
N ILE A 434 4.15 -19.34 -1.72
CA ILE A 434 5.44 -19.64 -1.09
C ILE A 434 6.57 -19.46 -2.09
N LYS A 435 6.34 -19.79 -3.36
CA LYS A 435 7.34 -19.52 -4.39
C LYS A 435 7.63 -18.03 -4.49
N TRP A 436 6.59 -17.19 -4.47
CA TRP A 436 6.82 -15.75 -4.52
C TRP A 436 7.50 -15.24 -3.25
N LYS A 437 7.17 -15.83 -2.09
CA LYS A 437 7.87 -15.45 -0.86
C LYS A 437 9.37 -15.68 -1.00
N GLU A 438 9.74 -16.79 -1.61
CA GLU A 438 11.15 -17.14 -1.78
C GLU A 438 11.83 -16.16 -2.73
N LEU A 439 11.14 -15.75 -3.79
CA LEU A 439 11.74 -14.79 -4.71
C LEU A 439 11.85 -13.42 -4.07
N ALA A 440 10.87 -13.04 -3.25
CA ALA A 440 10.94 -11.76 -2.56
C ALA A 440 12.09 -11.76 -1.55
N LYS A 441 12.29 -12.89 -0.85
CA LYS A 441 13.41 -12.99 0.08
C LYS A 441 14.73 -12.87 -0.67
N GLU A 442 14.82 -13.52 -1.84
CA GLU A 442 15.97 -13.36 -2.71
C GLU A 442 16.24 -11.89 -3.02
N ALA A 443 15.18 -11.15 -3.37
CA ALA A 443 15.36 -9.79 -3.86
C ALA A 443 15.93 -8.87 -2.77
N VAL A 444 15.55 -9.07 -1.50
CA VAL A 444 15.97 -8.15 -0.45
C VAL A 444 17.20 -8.63 0.29
N SER A 445 17.73 -9.78 -0.06
CA SER A 445 18.93 -10.30 0.57
C SER A 445 20.14 -9.95 -0.29
N GLU A 446 21.32 -10.13 0.29
CA GLU A 446 22.54 -9.72 -0.40
C GLU A 446 22.64 -10.38 -1.76
N GLY A 447 23.00 -9.57 -2.77
CA GLY A 447 23.02 -10.01 -4.14
C GLY A 447 21.69 -9.94 -4.86
N GLY A 448 20.60 -9.66 -4.14
CA GLY A 448 19.31 -9.57 -4.77
C GLY A 448 19.09 -8.25 -5.47
N SER A 449 18.09 -8.22 -6.37
CA SER A 449 17.86 -7.03 -7.19
C SER A 449 17.50 -5.82 -6.34
N SER A 450 16.64 -6.01 -5.34
CA SER A 450 16.24 -4.85 -4.53
C SER A 450 17.36 -4.42 -3.60
N CYS A 451 18.07 -5.38 -3.02
CA CYS A 451 19.23 -5.05 -2.20
C CYS A 451 20.28 -4.28 -3.01
N ASN A 452 20.60 -4.78 -4.22
CA ASN A 452 21.56 -4.08 -5.09
C ASN A 452 21.09 -2.66 -5.41
N ASN A 453 19.79 -2.47 -5.67
CA ASN A 453 19.31 -1.15 -6.07
C ASN A 453 19.31 -0.18 -4.90
N ILE A 454 19.01 -0.64 -3.69
CA ILE A 454 19.11 0.24 -2.53
C ILE A 454 20.57 0.59 -2.27
N GLN A 455 21.47 -0.38 -2.46
CA GLN A 455 22.89 -0.10 -2.36
C GLN A 455 23.35 0.90 -3.43
N GLU A 456 22.82 0.77 -4.65
CA GLU A 456 23.21 1.71 -5.71
C GLU A 456 22.71 3.11 -5.39
N PHE A 457 21.47 3.22 -4.89
CA PHE A 457 20.92 4.52 -4.51
C PHE A 457 21.74 5.13 -3.37
N SER A 458 22.03 4.32 -2.34
CA SER A 458 22.81 4.81 -1.23
C SER A 458 24.20 5.28 -1.66
N SER A 459 24.85 4.53 -2.57
CA SER A 459 26.21 4.90 -3.00
C SER A 459 26.20 6.15 -3.87
N SER A 460 25.18 6.29 -4.72
CA SER A 460 25.02 7.53 -5.50
C SER A 460 24.98 8.76 -4.58
N LEU A 461 24.29 8.65 -3.45
CA LEU A 461 24.20 9.76 -2.51
C LEU A 461 25.54 10.03 -1.86
N LEU A 462 26.32 9.00 -1.61
CA LEU A 462 27.62 9.15 -1.00
C LEU A 462 28.62 9.66 -2.02
#